data_3ZL1
#
_entry.id   3ZL1
#
_cell.length_a   29.880
_cell.length_b   68.890
_cell.length_c   95.050
_cell.angle_alpha   90.00
_cell.angle_beta   96.94
_cell.angle_gamma   90.00
#
_symmetry.space_group_name_H-M   'P 1 21 1'
#
loop_
_entity.id
_entity.type
_entity.pdbx_description
1 polymer 'PROTEIN FIMH'
2 non-polymer N-{5-[(1R)-1-hydroxyethyl]-1,3-thiazol-2-yl}-alpha-D-mannopyranosylamine
3 non-polymer 'CHLORIDE ION'
4 water water
#
_entity_poly.entity_id   1
_entity_poly.type   'polypeptide(L)'
_entity_poly.pdbx_seq_one_letter_code
;FACKTANGTAIPIGGGSANVYVNLAPVVNVGQNLVVDLSTQIFCHNDYPETITDYVTLQRGSAYGGVLSNFSGTVKYSGS
SYPFPTTSETPRVVYNSRTDKPWPVALYLTPVSSAGGVAIKAGSLIAVLILRQTNNYNSDDFQFVWNIYANNDVVVPT
;
_entity_poly.pdbx_strand_id   A,B
#
loop_
_chem_comp.id
_chem_comp.type
_chem_comp.name
_chem_comp.formula
BWG D-saccharide N-{5-[(1R)-1-hydroxyethyl]-1,3-thiazol-2-yl}-alpha-D-mannopyranosylamine 'C11 H16 N2 O6 S'
CL non-polymer 'CHLORIDE ION' 'Cl -1'
#
# COMPACT_ATOMS: atom_id res chain seq x y z
N PHE A 1 7.87 22.42 23.02
CA PHE A 1 8.14 21.18 22.28
C PHE A 1 8.78 21.52 20.93
N ALA A 2 9.85 20.81 20.60
CA ALA A 2 10.51 21.01 19.32
C ALA A 2 11.27 19.76 18.95
N CYS A 3 11.70 19.68 17.69
CA CYS A 3 12.36 18.47 17.20
CA CYS A 3 12.36 18.48 17.19
C CYS A 3 13.61 18.82 16.41
N LYS A 4 14.48 17.83 16.24
CA LYS A 4 15.70 17.98 15.48
C LYS A 4 16.03 16.67 14.79
N THR A 5 16.78 16.75 13.70
CA THR A 5 17.28 15.56 13.03
C THR A 5 18.62 15.14 13.60
N ALA A 6 19.15 14.01 13.12
CA ALA A 6 20.41 13.48 13.63
C ALA A 6 21.59 14.42 13.37
N ASN A 7 21.47 15.27 12.35
CA ASN A 7 22.51 16.26 12.06
C ASN A 7 22.26 17.66 12.65
N GLY A 8 21.30 17.74 13.56
CA GLY A 8 21.05 18.97 14.30
C GLY A 8 20.03 19.93 13.69
N THR A 9 19.49 19.58 12.52
CA THR A 9 18.51 20.43 11.86
C THR A 9 17.20 20.48 12.65
N ALA A 10 16.81 21.67 13.07
CA ALA A 10 15.70 21.80 14.02
C ALA A 10 14.38 22.26 13.39
N ILE A 11 13.29 21.74 13.92
CA ILE A 11 11.98 22.33 13.68
C ILE A 11 11.57 22.87 15.03
N PRO A 12 11.37 24.19 15.11
CA PRO A 12 11.15 24.79 16.43
C PRO A 12 9.71 24.74 16.94
N ILE A 13 9.51 25.25 18.15
CA ILE A 13 8.19 25.45 18.75
C ILE A 13 7.25 26.04 17.70
N GLY A 14 6.08 25.42 17.54
CA GLY A 14 5.10 25.92 16.59
C GLY A 14 5.04 25.12 15.31
N GLY A 15 6.02 24.24 15.11
CA GLY A 15 6.03 23.37 13.94
C GLY A 15 6.79 23.94 12.76
N GLY A 16 6.71 23.22 11.64
CA GLY A 16 7.45 23.58 10.45
C GLY A 16 7.80 22.31 9.68
N SER A 17 8.86 22.38 8.91
CA SER A 17 9.25 21.22 8.11
C SER A 17 10.77 21.06 8.08
N ALA A 18 11.22 19.85 7.80
CA ALA A 18 12.65 19.58 7.67
C ALA A 18 12.90 18.41 6.72
N ASN A 19 14.07 18.42 6.08
CA ASN A 19 14.48 17.30 5.24
C ASN A 19 15.27 16.27 6.03
N VAL A 20 15.05 15.00 5.74
CA VAL A 20 15.76 13.93 6.39
C VAL A 20 16.34 13.04 5.29
N TYR A 21 17.67 12.92 5.26
CA TYR A 21 18.33 12.10 4.25
C TYR A 21 18.74 10.76 4.82
N VAL A 22 18.28 9.68 4.18
CA VAL A 22 18.48 8.36 4.76
C VAL A 22 19.26 7.43 3.83
N ASN A 23 20.19 6.69 4.43
CA ASN A 23 20.90 5.63 3.73
C ASN A 23 19.97 4.45 3.66
N LEU A 24 19.95 3.76 2.53
CA LEU A 24 19.05 2.62 2.35
C LEU A 24 19.83 1.40 1.89
N ALA A 25 19.46 0.24 2.40
CA ALA A 25 20.02 -1.03 1.92
C ALA A 25 19.99 -1.00 0.40
N PRO A 26 21.15 -1.19 -0.24
CA PRO A 26 21.20 -0.97 -1.70
C PRO A 26 20.57 -2.11 -2.52
N VAL A 27 20.42 -3.27 -1.90
CA VAL A 27 19.85 -4.43 -2.55
C VAL A 27 18.82 -5.06 -1.62
N VAL A 28 17.59 -5.16 -2.09
CA VAL A 28 16.51 -5.75 -1.29
C VAL A 28 15.76 -6.76 -2.12
N ASN A 29 15.75 -8.01 -1.66
CA ASN A 29 15.08 -9.08 -2.39
C ASN A 29 13.59 -9.03 -2.16
N VAL A 30 12.81 -9.48 -3.15
CA VAL A 30 11.39 -9.74 -2.92
C VAL A 30 11.33 -10.67 -1.71
N GLY A 31 10.38 -10.42 -0.82
CA GLY A 31 10.25 -11.25 0.37
C GLY A 31 11.01 -10.71 1.57
N GLN A 32 11.78 -9.65 1.36
N GLN A 32 11.80 -9.66 1.36
CA GLN A 32 12.56 -9.00 2.42
CA GLN A 32 12.51 -9.03 2.48
C GLN A 32 12.00 -7.62 2.70
C GLN A 32 12.01 -7.62 2.70
N ASN A 33 12.34 -7.08 3.87
CA ASN A 33 11.97 -5.72 4.21
C ASN A 33 13.14 -4.77 4.03
N LEU A 34 12.86 -3.64 3.41
CA LEU A 34 13.75 -2.50 3.43
C LEU A 34 13.30 -1.69 4.63
N VAL A 35 14.19 -1.49 5.59
CA VAL A 35 13.80 -0.83 6.84
C VAL A 35 14.31 0.60 6.86
N VAL A 36 13.41 1.53 7.11
CA VAL A 36 13.77 2.93 7.26
C VAL A 36 13.47 3.35 8.69
N ASP A 37 14.48 3.25 9.55
CA ASP A 37 14.29 3.51 10.97
C ASP A 37 14.48 4.99 11.30
N LEU A 38 13.38 5.71 11.41
CA LEU A 38 13.46 7.14 11.70
C LEU A 38 13.73 7.43 13.18
N SER A 39 13.71 6.41 14.03
CA SER A 39 13.99 6.61 15.46
C SER A 39 15.44 7.03 15.73
N THR A 40 16.33 6.77 14.78
CA THR A 40 17.71 7.22 14.90
C THR A 40 17.92 8.53 14.16
N GLN A 41 16.86 9.07 13.54
CA GLN A 41 17.00 10.25 12.68
C GLN A 41 16.19 11.47 13.13
N ILE A 42 15.19 11.27 13.98
CA ILE A 42 14.31 12.35 14.42
C ILE A 42 14.15 12.23 15.93
N PHE A 43 14.36 13.35 16.63
CA PHE A 43 14.31 13.39 18.09
C PHE A 43 13.49 14.59 18.53
N CYS A 44 12.70 14.43 19.58
CA CYS A 44 11.91 15.54 20.09
CA CYS A 44 11.89 15.52 20.09
C CYS A 44 12.01 15.63 21.61
N HIS A 45 11.58 16.77 22.15
CA HIS A 45 11.58 16.98 23.59
C HIS A 45 10.50 17.97 24.00
N ASN A 46 10.16 17.94 25.28
CA ASN A 46 9.17 18.83 25.91
C ASN A 46 9.96 20.00 26.51
N ASP A 47 9.51 21.23 26.26
CA ASP A 47 10.21 22.43 26.73
C ASP A 47 9.78 22.91 28.11
N TYR A 48 8.72 22.31 28.64
CA TYR A 48 8.16 22.76 29.92
C TYR A 48 7.55 21.56 30.67
N PRO A 49 8.33 20.47 30.86
CA PRO A 49 7.73 19.29 31.50
C PRO A 49 7.37 19.49 32.96
N GLU A 50 7.81 20.60 33.54
CA GLU A 50 7.43 20.96 34.90
C GLU A 50 5.91 21.14 35.02
N THR A 51 5.28 21.57 33.93
CA THR A 51 3.87 21.93 33.96
C THR A 51 3.06 21.20 32.88
N ILE A 52 3.66 21.06 31.70
CA ILE A 52 2.95 20.54 30.53
C ILE A 52 3.34 19.12 30.11
N THR A 53 2.35 18.34 29.70
CA THR A 53 2.56 17.03 29.09
C THR A 53 2.28 17.15 27.60
N ASP A 54 3.24 16.74 26.77
CA ASP A 54 3.08 16.83 25.33
C ASP A 54 2.62 15.50 24.77
N TYR A 55 1.78 15.56 23.74
CA TYR A 55 1.23 14.38 23.08
C TYR A 55 1.64 14.40 21.63
N VAL A 56 2.11 13.28 21.12
CA VAL A 56 2.67 13.25 19.78
C VAL A 56 2.18 12.06 18.98
N THR A 57 1.64 12.33 17.80
CA THR A 57 1.19 11.23 16.94
C THR A 57 1.86 11.30 15.59
N LEU A 58 1.82 10.19 14.86
CA LEU A 58 2.04 10.25 13.41
C LEU A 58 0.67 10.49 12.80
N GLN A 59 0.45 11.72 12.33
CA GLN A 59 -0.88 12.09 11.84
C GLN A 59 -1.15 11.49 10.46
N ARG A 60 -0.12 11.44 9.63
CA ARG A 60 -0.24 10.94 8.26
C ARG A 60 1.16 10.55 7.80
N GLY A 61 1.24 9.47 7.04
CA GLY A 61 2.47 9.07 6.38
C GLY A 61 2.18 8.79 4.92
N SER A 62 2.87 9.47 4.01
CA SER A 62 2.66 9.30 2.58
C SER A 62 3.92 8.75 1.93
N ALA A 63 3.75 7.90 0.92
CA ALA A 63 4.84 7.37 0.12
C ALA A 63 4.91 8.09 -1.23
N TYR A 64 6.12 8.22 -1.77
CA TYR A 64 6.34 8.88 -3.05
C TYR A 64 7.31 8.08 -3.91
N GLY A 65 7.40 8.47 -5.18
CA GLY A 65 8.34 7.93 -6.12
C GLY A 65 8.36 6.42 -6.15
N GLY A 66 9.56 5.86 -6.05
CA GLY A 66 9.74 4.43 -6.14
C GLY A 66 9.19 3.67 -4.94
N VAL A 67 9.08 4.32 -3.79
CA VAL A 67 8.48 3.63 -2.66
C VAL A 67 6.98 3.38 -2.92
N LEU A 68 6.29 4.38 -3.46
CA LEU A 68 4.87 4.25 -3.77
C LEU A 68 4.58 3.21 -4.87
N SER A 69 5.42 3.17 -5.90
CA SER A 69 5.17 2.26 -7.02
C SER A 69 5.75 0.84 -6.89
N ASN A 70 6.78 0.69 -6.07
CA ASN A 70 7.53 -0.57 -5.98
C ASN A 70 7.48 -1.32 -4.65
N PHE A 71 6.87 -0.74 -3.63
CA PHE A 71 6.87 -1.38 -2.31
C PHE A 71 5.51 -1.45 -1.67
N SER A 72 5.33 -2.44 -0.80
CA SER A 72 4.14 -2.56 0.04
C SER A 72 4.59 -2.22 1.44
N GLY A 73 4.01 -1.17 2.00
CA GLY A 73 4.54 -0.60 3.23
C GLY A 73 3.75 -0.80 4.51
N THR A 74 4.50 -0.87 5.61
CA THR A 74 3.95 -0.89 6.95
CA THR A 74 3.92 -0.84 6.93
C THR A 74 4.73 0.13 7.77
N VAL A 75 4.04 0.92 8.60
CA VAL A 75 4.74 1.81 9.51
C VAL A 75 4.57 1.32 10.94
N LYS A 76 5.67 1.27 11.68
CA LYS A 76 5.57 0.98 13.10
C LYS A 76 5.71 2.25 13.88
N TYR A 77 4.71 2.54 14.70
CA TYR A 77 4.75 3.69 15.58
C TYR A 77 4.68 3.20 17.01
N SER A 78 5.77 3.38 17.73
CA SER A 78 5.86 2.95 19.12
C SER A 78 5.42 1.49 19.27
N GLY A 79 5.93 0.64 18.39
CA GLY A 79 5.72 -0.79 18.45
C GLY A 79 4.49 -1.34 17.75
N SER A 80 3.57 -0.47 17.34
CA SER A 80 2.36 -0.94 16.69
C SER A 80 2.43 -0.72 15.19
N SER A 81 1.92 -1.71 14.44
CA SER A 81 1.98 -1.69 12.98
C SER A 81 0.71 -1.19 12.35
N TYR A 82 0.88 -0.39 11.30
CA TYR A 82 -0.22 0.21 10.56
C TYR A 82 0.16 0.23 9.10
N PRO A 83 -0.84 0.29 8.22
CA PRO A 83 -0.59 0.49 6.79
C PRO A 83 0.19 1.76 6.50
N PHE A 84 1.09 1.68 5.52
N PHE A 84 1.10 1.68 5.54
CA PHE A 84 1.81 2.83 4.99
CA PHE A 84 1.81 2.83 5.01
C PHE A 84 1.83 2.73 3.47
C PHE A 84 1.83 2.74 3.48
N PRO A 85 1.33 3.77 2.77
CA PRO A 85 0.72 5.03 3.25
C PRO A 85 -0.44 4.83 4.22
N THR A 86 -0.55 5.78 5.16
CA THR A 86 -1.40 5.63 6.32
C THR A 86 -2.87 5.90 6.05
N THR A 87 -3.73 5.30 6.88
CA THR A 87 -5.17 5.43 6.73
C THR A 87 -5.84 6.08 7.94
N SER A 88 -5.07 6.30 9.01
CA SER A 88 -5.60 6.98 10.20
C SER A 88 -4.46 7.54 11.02
N GLU A 89 -4.76 8.54 11.85
CA GLU A 89 -3.80 9.08 12.82
C GLU A 89 -3.53 8.06 13.92
N THR A 90 -2.27 7.91 14.30
CA THR A 90 -1.88 6.95 15.34
C THR A 90 -2.33 7.40 16.74
N PRO A 91 -2.30 6.48 17.72
CA PRO A 91 -2.46 6.95 19.11
C PRO A 91 -1.29 7.84 19.52
N ARG A 92 -1.42 8.48 20.67
CA ARG A 92 -0.44 9.43 21.15
CA ARG A 92 -0.42 9.43 21.14
C ARG A 92 0.72 8.80 21.91
N VAL A 93 1.92 9.34 21.70
CA VAL A 93 3.09 9.04 22.52
C VAL A 93 3.35 10.26 23.40
N VAL A 94 3.62 10.03 24.68
CA VAL A 94 3.84 11.13 25.64
CA VAL A 94 3.84 11.14 25.61
C VAL A 94 5.28 11.59 25.61
N TYR A 95 5.49 12.91 25.58
CA TYR A 95 6.79 13.50 25.74
C TYR A 95 6.75 14.33 27.02
N ASN A 96 7.51 13.90 28.02
CA ASN A 96 7.43 14.49 29.37
C ASN A 96 8.80 14.84 29.94
N SER A 97 9.75 15.07 29.04
CA SER A 97 11.13 15.31 29.45
C SER A 97 11.80 16.28 28.50
N ARG A 98 12.76 17.04 29.04
CA ARG A 98 13.54 17.96 28.22
C ARG A 98 14.62 17.24 27.43
N THR A 99 14.91 16.01 27.83
CA THR A 99 15.93 15.21 27.16
C THR A 99 15.39 14.76 25.81
N ASP A 100 16.21 14.88 24.76
CA ASP A 100 15.83 14.39 23.43
C ASP A 100 15.41 12.94 23.49
N LYS A 101 14.28 12.64 22.86
CA LYS A 101 13.73 11.31 22.83
C LYS A 101 13.42 10.99 21.38
N PRO A 102 13.85 9.82 20.91
CA PRO A 102 13.53 9.48 19.52
C PRO A 102 12.03 9.54 19.22
N TRP A 103 11.69 9.94 18.00
CA TRP A 103 10.33 9.80 17.51
C TRP A 103 10.28 8.35 17.02
N PRO A 104 9.45 7.52 17.67
CA PRO A 104 9.53 6.08 17.42
C PRO A 104 8.80 5.62 16.14
N VAL A 105 9.29 6.05 14.98
CA VAL A 105 8.71 5.60 13.71
CA VAL A 105 8.73 5.66 13.69
C VAL A 105 9.72 4.84 12.85
N ALA A 106 9.27 3.73 12.29
CA ALA A 106 10.09 2.99 11.35
C ALA A 106 9.21 2.50 10.20
N LEU A 107 9.70 2.64 8.97
CA LEU A 107 9.00 2.08 7.81
C LEU A 107 9.56 0.71 7.45
N TYR A 108 8.65 -0.19 7.12
CA TYR A 108 9.03 -1.53 6.65
C TYR A 108 8.42 -1.66 5.28
N LEU A 109 9.30 -1.71 4.27
CA LEU A 109 8.89 -1.64 2.88
C LEU A 109 9.33 -2.90 2.18
N THR A 110 8.38 -3.74 1.77
CA THR A 110 8.71 -4.98 1.06
C THR A 110 8.37 -4.85 -0.43
N PRO A 111 9.26 -5.35 -1.32
CA PRO A 111 8.97 -5.14 -2.74
C PRO A 111 7.69 -5.82 -3.21
N VAL A 112 6.93 -5.12 -4.07
CA VAL A 112 5.76 -5.73 -4.69
C VAL A 112 6.25 -6.68 -5.78
N SER A 113 5.42 -7.62 -6.19
CA SER A 113 5.89 -8.63 -7.14
C SER A 113 6.30 -8.06 -8.50
N SER A 114 5.73 -6.93 -8.88
CA SER A 114 6.09 -6.24 -10.12
C SER A 114 7.44 -5.49 -10.00
N ALA A 115 8.01 -5.45 -8.80
CA ALA A 115 9.24 -4.69 -8.62
C ALA A 115 10.47 -5.42 -9.16
N GLY A 116 11.38 -4.66 -9.76
CA GLY A 116 12.65 -5.19 -10.23
C GLY A 116 13.47 -4.06 -10.81
N GLY A 117 14.78 -4.11 -10.60
CA GLY A 117 15.64 -3.06 -11.10
C GLY A 117 15.78 -1.96 -10.06
N VAL A 118 16.10 -0.75 -10.52
CA VAL A 118 16.26 0.37 -9.60
C VAL A 118 14.87 0.75 -9.14
N ALA A 119 14.54 0.38 -7.91
CA ALA A 119 13.20 0.54 -7.37
C ALA A 119 13.04 1.86 -6.62
N ILE A 120 14.16 2.38 -6.11
CA ILE A 120 14.19 3.70 -5.46
C ILE A 120 15.39 4.43 -6.04
N LYS A 121 15.19 5.63 -6.58
CA LYS A 121 16.29 6.46 -7.08
C LYS A 121 16.97 7.35 -6.05
N ALA A 122 18.31 7.41 -6.13
CA ALA A 122 19.11 8.27 -5.27
C ALA A 122 18.68 9.72 -5.39
N GLY A 123 18.51 10.37 -4.23
CA GLY A 123 18.08 11.76 -4.18
C GLY A 123 16.58 11.98 -4.21
N SER A 124 15.82 10.93 -4.48
CA SER A 124 14.37 11.05 -4.62
C SER A 124 13.65 11.14 -3.28
N LEU A 125 12.51 11.83 -3.29
CA LEU A 125 11.64 11.87 -2.12
C LEU A 125 10.98 10.52 -1.99
N ILE A 126 11.08 9.89 -0.82
CA ILE A 126 10.46 8.59 -0.61
C ILE A 126 9.25 8.63 0.32
N ALA A 127 9.16 9.64 1.19
CA ALA A 127 8.06 9.70 2.13
C ALA A 127 7.92 11.08 2.72
N VAL A 128 6.71 11.42 3.15
CA VAL A 128 6.48 12.60 3.95
C VAL A 128 5.74 12.14 5.20
N LEU A 129 6.28 12.47 6.36
CA LEU A 129 5.68 12.04 7.61
C LEU A 129 5.28 13.27 8.40
N ILE A 130 4.02 13.34 8.79
CA ILE A 130 3.51 14.47 9.57
C ILE A 130 3.38 14.06 11.02
N LEU A 131 4.19 14.70 11.87
CA LEU A 131 4.13 14.56 13.31
C LEU A 131 3.18 15.64 13.80
N ARG A 132 2.21 15.25 14.61
CA ARG A 132 1.25 16.23 15.15
C ARG A 132 1.41 16.29 16.65
N GLN A 133 1.64 17.51 17.16
CA GLN A 133 1.91 17.71 18.58
C GLN A 133 0.85 18.57 19.24
N THR A 134 0.30 18.04 20.33
CA THR A 134 -0.64 18.77 21.17
C THR A 134 -0.13 18.64 22.61
N ASN A 135 -0.92 19.12 23.56
CA ASN A 135 -0.56 19.01 24.97
C ASN A 135 -1.81 18.90 25.86
N ASN A 136 -1.61 18.86 27.18
CA ASN A 136 -2.70 18.81 28.15
C ASN A 136 -2.95 20.16 28.85
N TYR A 137 -2.50 21.24 28.24
CA TYR A 137 -2.43 22.54 28.91
C TYR A 137 -3.17 23.67 28.16
N ASN A 138 -3.03 23.71 26.84
CA ASN A 138 -3.67 24.73 26.01
C ASN A 138 -4.13 24.19 24.65
N SER A 139 -4.43 25.08 23.71
CA SER A 139 -4.99 24.66 22.43
C SER A 139 -3.94 24.45 21.34
N ASP A 140 -2.66 24.39 21.72
CA ASP A 140 -1.60 24.18 20.73
C ASP A 140 -1.87 22.89 19.95
N ASP A 141 -1.78 22.99 18.63
CA ASP A 141 -1.96 21.86 17.71
C ASP A 141 -1.02 22.13 16.54
N PHE A 142 0.18 21.53 16.59
CA PHE A 142 1.21 21.89 15.64
C PHE A 142 1.66 20.70 14.78
N GLN A 143 2.06 21.00 13.53
CA GLN A 143 2.57 20.00 12.61
C GLN A 143 4.07 20.16 12.39
N PHE A 144 4.76 19.03 12.54
CA PHE A 144 6.19 18.92 12.29
C PHE A 144 6.30 17.99 11.10
N VAL A 145 6.68 18.55 9.95
CA VAL A 145 6.62 17.81 8.69
C VAL A 145 8.01 17.32 8.30
N TRP A 146 8.14 16.00 8.11
CA TRP A 146 9.44 15.38 7.82
C TRP A 146 9.45 14.84 6.40
N ASN A 147 10.26 15.46 5.55
CA ASN A 147 10.39 15.03 4.16
C ASN A 147 11.57 14.08 4.05
N ILE A 148 11.30 12.82 3.70
CA ILE A 148 12.32 11.78 3.74
C ILE A 148 12.89 11.53 2.35
N TYR A 149 14.21 11.63 2.22
CA TYR A 149 14.89 11.49 0.94
C TYR A 149 15.89 10.34 0.97
N ALA A 150 15.95 9.61 -0.13
CA ALA A 150 16.91 8.52 -0.30
C ALA A 150 18.30 9.06 -0.64
N ASN A 151 19.31 8.57 0.07
CA ASN A 151 20.69 8.98 -0.21
C ASN A 151 21.28 8.15 -1.36
N ASN A 152 20.63 7.05 -1.70
CA ASN A 152 21.19 6.12 -2.69
C ASN A 152 20.14 5.30 -3.41
N ASP A 153 20.53 4.73 -4.56
CA ASP A 153 19.70 3.82 -5.35
C ASP A 153 19.45 2.56 -4.55
N VAL A 154 18.27 1.98 -4.75
CA VAL A 154 17.95 0.69 -4.16
C VAL A 154 17.49 -0.19 -5.31
N VAL A 155 18.12 -1.35 -5.47
CA VAL A 155 17.73 -2.31 -6.51
C VAL A 155 17.00 -3.50 -5.92
N VAL A 156 15.93 -3.92 -6.58
CA VAL A 156 15.27 -5.19 -6.28
C VAL A 156 15.73 -6.18 -7.37
N PRO A 157 16.49 -7.21 -6.97
CA PRO A 157 17.04 -8.14 -7.98
C PRO A 157 15.97 -8.84 -8.80
N THR A 158 16.31 -9.18 -10.05
CA THR A 158 15.38 -9.89 -10.92
C THR A 158 15.91 -11.28 -11.29
N PHE B 1 -8.76 -25.05 -20.53
CA PHE B 1 -9.10 -23.99 -19.57
C PHE B 1 -9.20 -22.66 -20.29
N ALA B 2 -10.24 -21.89 -19.99
CA ALA B 2 -10.42 -20.56 -20.57
C ALA B 2 -11.32 -19.73 -19.65
N CYS B 3 -11.37 -18.43 -19.90
CA CYS B 3 -12.12 -17.51 -19.06
C CYS B 3 -12.96 -16.54 -19.88
N LYS B 4 -13.96 -15.94 -19.22
CA LYS B 4 -14.81 -14.96 -19.85
C LYS B 4 -15.23 -13.91 -18.83
N THR B 5 -15.55 -12.71 -19.31
CA THR B 5 -16.11 -11.67 -18.45
C THR B 5 -17.63 -11.76 -18.45
N ALA B 6 -18.27 -10.94 -17.62
CA ALA B 6 -19.72 -10.98 -17.49
C ALA B 6 -20.41 -10.57 -18.79
N ASN B 7 -19.71 -9.83 -19.66
CA ASN B 7 -20.27 -9.46 -20.95
C ASN B 7 -19.90 -10.38 -22.12
N GLY B 8 -19.34 -11.54 -21.80
CA GLY B 8 -19.06 -12.57 -22.80
C GLY B 8 -17.69 -12.49 -23.44
N THR B 9 -16.90 -11.46 -23.10
CA THR B 9 -15.56 -11.31 -23.66
C THR B 9 -14.63 -12.41 -23.16
N ALA B 10 -14.07 -13.18 -24.10
CA ALA B 10 -13.34 -14.38 -23.75
C ALA B 10 -11.82 -14.25 -23.84
N ILE B 11 -11.12 -14.93 -22.94
CA ILE B 11 -9.69 -15.18 -23.12
C ILE B 11 -9.59 -16.68 -23.30
N PRO B 12 -9.09 -17.12 -24.46
CA PRO B 12 -9.15 -18.54 -24.78
C PRO B 12 -8.02 -19.38 -24.21
N ILE B 13 -8.07 -20.70 -24.47
CA ILE B 13 -7.01 -21.64 -24.14
C ILE B 13 -5.67 -21.03 -24.52
N GLY B 14 -4.72 -21.02 -23.60
CA GLY B 14 -3.40 -20.47 -23.86
C GLY B 14 -3.15 -19.10 -23.25
N GLY B 15 -4.21 -18.48 -22.76
CA GLY B 15 -4.09 -17.18 -22.12
C GLY B 15 -4.26 -16.01 -23.07
N GLY B 16 -4.02 -14.81 -22.54
CA GLY B 16 -4.19 -13.59 -23.31
C GLY B 16 -4.62 -12.49 -22.36
N SER B 17 -5.32 -11.49 -22.88
CA SER B 17 -5.77 -10.39 -22.02
C SER B 17 -7.19 -9.95 -22.36
N ALA B 18 -7.84 -9.30 -21.42
CA ALA B 18 -9.16 -8.74 -21.64
C ALA B 18 -9.39 -7.53 -20.75
N ASN B 19 -10.26 -6.62 -21.20
CA ASN B 19 -10.67 -5.47 -20.40
C ASN B 19 -11.90 -5.78 -19.58
N VAL B 20 -11.93 -5.30 -18.34
CA VAL B 20 -13.08 -5.47 -17.46
C VAL B 20 -13.50 -4.09 -16.95
N TYR B 21 -14.74 -3.71 -17.26
CA TYR B 21 -15.24 -2.40 -16.85
C TYR B 21 -16.13 -2.51 -15.63
N VAL B 22 -15.79 -1.79 -14.57
CA VAL B 22 -16.47 -1.97 -13.30
C VAL B 22 -17.17 -0.73 -12.76
N ASN B 23 -18.39 -0.93 -12.27
CA ASN B 23 -19.12 0.13 -11.59
C ASN B 23 -18.58 0.22 -10.18
N LEU B 24 -18.38 1.45 -9.69
CA LEU B 24 -17.79 1.64 -8.37
C LEU B 24 -18.67 2.53 -7.51
N ALA B 25 -18.77 2.23 -6.21
CA ALA B 25 -19.44 3.12 -5.27
C ALA B 25 -18.97 4.55 -5.49
N PRO B 26 -19.91 5.48 -5.72
CA PRO B 26 -19.49 6.81 -6.14
C PRO B 26 -18.92 7.66 -5.01
N VAL B 27 -19.26 7.30 -3.78
CA VAL B 27 -18.78 8.03 -2.61
C VAL B 27 -18.27 7.04 -1.57
N VAL B 28 -16.99 7.22 -1.19
CA VAL B 28 -16.37 6.34 -0.21
C VAL B 28 -15.68 7.16 0.86
N ASN B 29 -16.10 6.98 2.11
CA ASN B 29 -15.57 7.74 3.24
C ASN B 29 -14.27 7.16 3.71
N VAL B 30 -13.38 8.00 4.22
CA VAL B 30 -12.22 7.50 4.93
C VAL B 30 -12.75 6.54 6.01
N GLY B 31 -12.09 5.41 6.18
CA GLY B 31 -12.54 4.43 7.17
C GLY B 31 -13.46 3.37 6.61
N GLN B 32 -13.88 3.53 5.36
CA GLN B 32 -14.78 2.60 4.68
C GLN B 32 -14.01 1.92 3.56
N ASN B 33 -14.53 0.78 3.09
CA ASN B 33 -13.96 0.06 1.95
C ASN B 33 -14.73 0.29 0.67
N LEU B 34 -13.99 0.55 -0.41
CA LEU B 34 -14.54 0.49 -1.75
C LEU B 34 -14.28 -0.94 -2.18
N VAL B 35 -15.35 -1.67 -2.50
CA VAL B 35 -15.20 -3.08 -2.84
C VAL B 35 -15.31 -3.27 -4.33
N VAL B 36 -14.32 -3.95 -4.91
CA VAL B 36 -14.35 -4.32 -6.31
C VAL B 36 -14.41 -5.84 -6.41
N ASP B 37 -15.62 -6.37 -6.51
CA ASP B 37 -15.83 -7.83 -6.53
C ASP B 37 -15.72 -8.39 -7.96
N LEU B 38 -14.58 -8.96 -8.31
CA LEU B 38 -14.41 -9.50 -9.66
C LEU B 38 -15.02 -10.89 -9.83
N SER B 39 -15.47 -11.49 -8.73
CA SER B 39 -16.09 -12.81 -8.81
C SER B 39 -17.40 -12.78 -9.60
N THR B 40 -17.98 -11.60 -9.73
CA THR B 40 -19.20 -11.44 -10.51
C THR B 40 -18.87 -10.99 -11.93
N GLN B 41 -17.57 -10.82 -12.21
CA GLN B 41 -17.12 -10.26 -13.49
C GLN B 41 -16.20 -11.16 -14.32
N ILE B 42 -15.58 -12.15 -13.69
CA ILE B 42 -14.61 -13.01 -14.37
C ILE B 42 -14.92 -14.45 -14.00
N PHE B 43 -15.03 -15.33 -15.00
CA PHE B 43 -15.42 -16.72 -14.82
C PHE B 43 -14.51 -17.64 -15.63
N CYS B 44 -14.17 -18.79 -15.09
CA CYS B 44 -13.31 -19.74 -15.79
CA CYS B 44 -13.29 -19.74 -15.76
C CYS B 44 -13.84 -21.16 -15.68
N HIS B 45 -13.33 -22.04 -16.54
CA HIS B 45 -13.71 -23.44 -16.51
C HIS B 45 -12.60 -24.34 -17.05
N ASN B 46 -12.68 -25.62 -16.70
CA ASN B 46 -11.74 -26.64 -17.15
C ASN B 46 -12.33 -27.29 -18.43
N ASP B 47 -11.52 -27.44 -19.47
CA ASP B 47 -12.01 -27.99 -20.75
C ASP B 47 -11.90 -29.51 -20.87
N TYR B 48 -11.23 -30.14 -19.90
CA TYR B 48 -10.97 -31.57 -19.96
C TYR B 48 -10.92 -32.16 -18.54
N PRO B 49 -11.96 -31.92 -17.71
CA PRO B 49 -11.88 -32.39 -16.32
C PRO B 49 -11.93 -33.91 -16.16
N GLU B 50 -12.25 -34.61 -17.24
CA GLU B 50 -12.22 -36.07 -17.25
C GLU B 50 -10.81 -36.60 -16.97
N THR B 51 -9.80 -35.82 -17.36
CA THR B 51 -8.41 -36.28 -17.30
C THR B 51 -7.53 -35.27 -16.54
N ILE B 52 -7.78 -33.97 -16.74
CA ILE B 52 -6.90 -32.93 -16.21
C ILE B 52 -7.52 -32.10 -15.07
N THR B 53 -6.71 -31.79 -14.08
CA THR B 53 -7.13 -30.87 -13.01
C THR B 53 -6.38 -29.56 -13.22
N ASP B 54 -7.10 -28.46 -13.26
CA ASP B 54 -6.48 -27.14 -13.46
C ASP B 54 -6.24 -26.43 -12.14
N TYR B 55 -5.15 -25.67 -12.09
CA TYR B 55 -4.73 -24.91 -10.90
C TYR B 55 -4.65 -23.45 -11.26
N VAL B 56 -5.22 -22.59 -10.43
CA VAL B 56 -5.35 -21.19 -10.77
C VAL B 56 -4.98 -20.28 -9.59
N THR B 57 -4.05 -19.37 -9.83
CA THR B 57 -3.66 -18.42 -8.79
C THR B 57 -3.87 -17.00 -9.26
N LEU B 58 -3.89 -16.07 -8.31
CA LEU B 58 -3.65 -14.67 -8.63
C LEU B 58 -2.14 -14.52 -8.51
N GLN B 59 -1.46 -14.41 -9.65
CA GLN B 59 -0.01 -14.38 -9.66
C GLN B 59 0.48 -13.02 -9.21
N ARG B 60 -0.23 -11.97 -9.60
CA ARG B 60 0.19 -10.60 -9.31
C ARG B 60 -1.04 -9.70 -9.48
N GLY B 61 -1.15 -8.72 -8.58
CA GLY B 61 -2.18 -7.70 -8.70
C GLY B 61 -1.54 -6.34 -8.53
N SER B 62 -1.71 -5.48 -9.54
CA SER B 62 -1.11 -4.15 -9.50
C SER B 62 -2.19 -3.09 -9.48
N ALA B 63 -1.94 -2.00 -8.76
CA ALA B 63 -2.85 -0.87 -8.71
C ALA B 63 -2.33 0.27 -9.58
N TYR B 64 -3.24 1.03 -10.17
CA TYR B 64 -2.86 2.15 -11.04
C TYR B 64 -3.71 3.39 -10.73
N GLY B 65 -3.27 4.52 -11.28
CA GLY B 65 -4.01 5.77 -11.19
C GLY B 65 -4.42 6.13 -9.78
N GLY B 66 -5.70 6.47 -9.62
CA GLY B 66 -6.22 6.93 -8.35
C GLY B 66 -6.26 5.85 -7.29
N VAL B 67 -6.37 4.60 -7.69
CA VAL B 67 -6.33 3.52 -6.70
C VAL B 67 -4.93 3.43 -6.06
N LEU B 68 -3.89 3.54 -6.89
CA LEU B 68 -2.52 3.50 -6.37
C LEU B 68 -2.18 4.69 -5.45
N SER B 69 -2.64 5.89 -5.83
CA SER B 69 -2.31 7.09 -5.05
C SER B 69 -3.24 7.43 -3.89
N ASN B 70 -4.50 6.97 -3.97
CA ASN B 70 -5.52 7.37 -3.01
C ASN B 70 -6.04 6.27 -2.08
N PHE B 71 -5.63 5.03 -2.31
CA PHE B 71 -6.16 3.93 -1.51
C PHE B 71 -5.12 2.99 -0.93
N SER B 72 -5.49 2.36 0.18
CA SER B 72 -4.70 1.31 0.79
C SER B 72 -5.46 0.03 0.55
N GLY B 73 -4.84 -0.90 -0.16
CA GLY B 73 -5.56 -2.05 -0.66
C GLY B 73 -5.29 -3.40 -0.05
N THR B 74 -6.33 -4.23 -0.05
N THR B 74 -6.32 -4.25 -0.11
CA THR B 74 -6.23 -5.64 0.29
CA THR B 74 -6.25 -5.63 0.31
C THR B 74 -6.91 -6.42 -0.83
C THR B 74 -6.92 -6.43 -0.81
N VAL B 75 -6.34 -7.55 -1.21
CA VAL B 75 -7.00 -8.44 -2.17
C VAL B 75 -7.46 -9.70 -1.44
N LYS B 76 -8.72 -10.08 -1.64
CA LYS B 76 -9.21 -11.32 -1.06
C LYS B 76 -9.27 -12.36 -2.17
N TYR B 77 -8.59 -13.49 -1.98
CA TYR B 77 -8.58 -14.59 -2.95
C TYR B 77 -9.01 -15.88 -2.27
N SER B 78 -10.17 -16.39 -2.69
CA SER B 78 -10.72 -17.62 -2.16
C SER B 78 -10.76 -17.64 -0.62
N GLY B 79 -11.26 -16.55 -0.04
CA GLY B 79 -11.49 -16.49 1.40
C GLY B 79 -10.35 -15.98 2.27
N SER B 80 -9.18 -15.73 1.69
CA SER B 80 -8.00 -15.25 2.41
C SER B 80 -7.55 -13.85 1.95
N SER B 81 -7.09 -13.00 2.88
CA SER B 81 -6.67 -11.64 2.53
C SER B 81 -5.16 -11.46 2.38
N TYR B 82 -4.76 -10.63 1.41
CA TYR B 82 -3.36 -10.36 1.12
C TYR B 82 -3.19 -8.87 0.76
N PRO B 83 -1.98 -8.33 0.90
CA PRO B 83 -1.71 -6.97 0.41
C PRO B 83 -2.01 -6.80 -1.08
N PHE B 84 -2.53 -5.63 -1.43
CA PHE B 84 -2.75 -5.22 -2.81
C PHE B 84 -2.32 -3.75 -2.96
N PRO B 85 -1.38 -3.46 -3.88
CA PRO B 85 -0.63 -4.35 -4.79
C PRO B 85 0.05 -5.51 -4.09
N THR B 86 0.14 -6.63 -4.80
CA THR B 86 0.52 -7.91 -4.23
C THR B 86 2.02 -8.08 -4.06
N THR B 87 2.38 -8.92 -3.10
CA THR B 87 3.78 -9.16 -2.80
C THR B 87 4.17 -10.63 -3.00
N SER B 88 3.19 -11.49 -3.29
CA SER B 88 3.45 -12.89 -3.57
C SER B 88 2.31 -13.50 -4.37
N GLU B 89 2.60 -14.59 -5.07
CA GLU B 89 1.57 -15.38 -5.74
C GLU B 89 0.72 -16.12 -4.71
N THR B 90 -0.60 -16.15 -4.93
CA THR B 90 -1.51 -16.80 -3.99
C THR B 90 -1.41 -18.32 -4.07
N PRO B 91 -1.97 -19.03 -3.08
CA PRO B 91 -2.14 -20.48 -3.25
C PRO B 91 -3.07 -20.79 -4.42
N ARG B 92 -3.12 -22.04 -4.82
CA ARG B 92 -3.89 -22.45 -6.00
C ARG B 92 -5.35 -22.74 -5.69
N VAL B 93 -6.23 -22.33 -6.60
CA VAL B 93 -7.65 -22.72 -6.58
C VAL B 93 -7.85 -23.80 -7.67
N VAL B 94 -8.56 -24.88 -7.33
CA VAL B 94 -8.78 -25.97 -8.27
C VAL B 94 -9.96 -25.70 -9.20
N TYR B 95 -9.76 -25.92 -10.50
CA TYR B 95 -10.87 -25.87 -11.44
C TYR B 95 -11.01 -27.26 -12.03
N ASN B 96 -12.12 -27.92 -11.71
CA ASN B 96 -12.30 -29.31 -12.06
C ASN B 96 -13.65 -29.58 -12.72
N SER B 97 -14.22 -28.55 -13.33
CA SER B 97 -15.54 -28.66 -13.93
C SER B 97 -15.62 -27.83 -15.21
N ARG B 98 -16.46 -28.25 -16.14
CA ARG B 98 -16.68 -27.51 -17.38
C ARG B 98 -17.64 -26.34 -17.15
N THR B 99 -18.36 -26.37 -16.04
CA THR B 99 -19.27 -25.30 -15.68
C THR B 99 -18.47 -24.06 -15.28
N ASP B 100 -18.83 -22.89 -15.82
CA ASP B 100 -18.18 -21.63 -15.47
C ASP B 100 -18.17 -21.43 -13.95
N LYS B 101 -17.02 -21.08 -13.42
CA LYS B 101 -16.87 -20.89 -11.98
C LYS B 101 -16.23 -19.51 -11.80
N PRO B 102 -16.79 -18.69 -10.89
CA PRO B 102 -16.15 -17.38 -10.69
C PRO B 102 -14.70 -17.50 -10.27
N TRP B 103 -13.89 -16.55 -10.72
CA TRP B 103 -12.55 -16.41 -10.22
C TRP B 103 -12.70 -15.61 -8.92
N PRO B 104 -12.37 -16.23 -7.77
CA PRO B 104 -12.76 -15.63 -6.49
C PRO B 104 -11.84 -14.50 -5.99
N VAL B 105 -11.80 -13.39 -6.73
CA VAL B 105 -10.99 -12.25 -6.34
C VAL B 105 -11.85 -11.01 -6.07
N ALA B 106 -11.53 -10.31 -4.99
CA ALA B 106 -12.20 -9.04 -4.72
C ALA B 106 -11.20 -8.08 -4.10
N LEU B 107 -11.21 -6.82 -4.55
CA LEU B 107 -10.35 -5.79 -3.99
C LEU B 107 -11.09 -5.02 -2.92
N TYR B 108 -10.41 -4.73 -1.82
CA TYR B 108 -10.95 -3.90 -0.76
C TYR B 108 -10.01 -2.74 -0.63
N LEU B 109 -10.50 -1.56 -1.02
CA LEU B 109 -9.68 -0.38 -1.16
C LEU B 109 -10.19 0.66 -0.18
N THR B 110 -9.39 0.99 0.84
CA THR B 110 -9.82 2.00 1.80
C THR B 110 -9.04 3.29 1.59
N PRO B 111 -9.69 4.47 1.66
CA PRO B 111 -8.93 5.68 1.34
C PRO B 111 -7.77 5.95 2.30
N VAL B 112 -6.67 6.44 1.75
CA VAL B 112 -5.55 6.91 2.55
C VAL B 112 -5.92 8.28 3.14
N SER B 113 -5.27 8.68 4.22
CA SER B 113 -5.67 9.91 4.89
C SER B 113 -5.52 11.16 4.03
N SER B 114 -4.58 11.13 3.09
CA SER B 114 -4.39 12.20 2.13
C SER B 114 -5.47 12.26 1.04
N ALA B 115 -6.35 11.26 1.00
CA ALA B 115 -7.37 11.21 -0.06
C ALA B 115 -8.50 12.21 0.17
N GLY B 116 -8.97 12.80 -0.92
CA GLY B 116 -10.10 13.70 -0.87
C GLY B 116 -10.43 14.19 -2.27
N GLY B 117 -11.71 14.32 -2.57
CA GLY B 117 -12.13 14.79 -3.87
C GLY B 117 -12.28 13.61 -4.81
N VAL B 118 -12.15 13.85 -6.11
CA VAL B 118 -12.26 12.77 -7.07
C VAL B 118 -10.99 11.91 -6.94
N ALA B 119 -11.15 10.75 -6.31
CA ALA B 119 -10.03 9.88 -5.99
C ALA B 119 -9.82 8.83 -7.07
N ILE B 120 -10.87 8.50 -7.81
CA ILE B 120 -10.77 7.61 -8.97
C ILE B 120 -11.52 8.27 -10.11
N LYS B 121 -10.85 8.48 -11.24
CA LYS B 121 -11.50 9.04 -12.42
C LYS B 121 -12.18 8.02 -13.35
N ALA B 122 -13.35 8.42 -13.85
CA ALA B 122 -14.10 7.62 -14.82
C ALA B 122 -13.25 7.33 -16.04
N GLY B 123 -13.24 6.06 -16.45
CA GLY B 123 -12.46 5.62 -17.60
C GLY B 123 -11.02 5.24 -17.32
N SER B 124 -10.54 5.52 -16.12
CA SER B 124 -9.15 5.24 -15.79
C SER B 124 -8.90 3.75 -15.49
N LEU B 125 -7.68 3.32 -15.76
CA LEU B 125 -7.22 1.99 -15.39
C LEU B 125 -7.01 1.99 -13.89
N ILE B 126 -7.62 1.04 -13.18
CA ILE B 126 -7.46 0.97 -11.73
C ILE B 126 -6.63 -0.21 -11.26
N ALA B 127 -6.55 -1.26 -12.07
CA ALA B 127 -5.80 -2.44 -11.66
C ALA B 127 -5.50 -3.34 -12.84
N VAL B 128 -4.43 -4.12 -12.71
CA VAL B 128 -4.16 -5.21 -13.64
C VAL B 128 -3.97 -6.46 -12.80
N LEU B 129 -4.77 -7.48 -13.10
CA LEU B 129 -4.71 -8.73 -12.35
C LEU B 129 -4.28 -9.86 -13.26
N ILE B 130 -3.22 -10.58 -12.85
CA ILE B 130 -2.71 -11.69 -13.62
C ILE B 130 -3.15 -12.99 -12.98
N LEU B 131 -4.00 -13.72 -13.71
CA LEU B 131 -4.43 -15.07 -13.37
C LEU B 131 -3.43 -16.03 -14.01
N ARG B 132 -2.88 -16.95 -13.23
CA ARG B 132 -1.91 -17.89 -13.76
C ARG B 132 -2.50 -19.28 -13.65
N GLN B 133 -2.55 -19.98 -14.79
CA GLN B 133 -3.18 -21.29 -14.86
C GLN B 133 -2.20 -22.37 -15.23
N THR B 134 -2.15 -23.40 -14.40
CA THR B 134 -1.35 -24.58 -14.68
C THR B 134 -2.26 -25.79 -14.49
N ASN B 135 -1.66 -26.98 -14.56
CA ASN B 135 -2.46 -28.19 -14.37
C ASN B 135 -1.61 -29.32 -13.76
N ASN B 136 -2.21 -30.50 -13.61
CA ASN B 136 -1.49 -31.67 -13.09
C ASN B 136 -1.15 -32.68 -14.19
N TYR B 137 -1.10 -32.25 -15.44
CA TYR B 137 -1.04 -33.15 -16.57
C TYR B 137 0.16 -32.90 -17.49
N ASN B 138 0.45 -31.63 -17.74
CA ASN B 138 1.56 -31.23 -18.58
C ASN B 138 2.23 -29.94 -18.12
N SER B 139 3.00 -29.33 -19.01
CA SER B 139 3.80 -28.16 -18.67
C SER B 139 3.11 -26.83 -18.98
N ASP B 140 1.79 -26.86 -19.23
CA ASP B 140 1.06 -25.63 -19.52
C ASP B 140 1.21 -24.64 -18.35
N ASP B 141 1.57 -23.42 -18.68
CA ASP B 141 1.73 -22.33 -17.71
C ASP B 141 1.28 -21.08 -18.43
N PHE B 142 0.01 -20.70 -18.24
CA PHE B 142 -0.58 -19.63 -19.05
C PHE B 142 -1.02 -18.46 -18.17
N GLN B 143 -0.91 -17.26 -18.74
CA GLN B 143 -1.36 -16.04 -18.08
C GLN B 143 -2.62 -15.48 -18.73
N PHE B 144 -3.59 -15.20 -17.88
CA PHE B 144 -4.83 -14.57 -18.27
C PHE B 144 -4.82 -13.20 -17.60
N VAL B 145 -4.67 -12.15 -18.40
CA VAL B 145 -4.43 -10.80 -17.87
C VAL B 145 -5.70 -9.97 -17.92
N TRP B 146 -6.11 -9.45 -16.77
CA TRP B 146 -7.35 -8.70 -16.65
C TRP B 146 -7.06 -7.23 -16.35
N ASN B 147 -7.37 -6.35 -17.30
CA ASN B 147 -7.17 -4.92 -17.15
C ASN B 147 -8.47 -4.33 -16.64
N ILE B 148 -8.44 -3.79 -15.42
N ILE B 148 -8.44 -3.78 -15.43
CA ILE B 148 -9.65 -3.34 -14.75
CA ILE B 148 -9.65 -3.30 -14.77
C ILE B 148 -9.82 -1.81 -14.85
C ILE B 148 -9.80 -1.80 -14.88
N TYR B 149 -10.95 -1.37 -15.39
CA TYR B 149 -11.22 0.04 -15.64
C TYR B 149 -12.45 0.51 -14.86
N ALA B 150 -12.36 1.73 -14.34
CA ALA B 150 -13.47 2.36 -13.62
C ALA B 150 -14.50 2.90 -14.60
N ASN B 151 -15.77 2.57 -14.36
CA ASN B 151 -16.84 3.11 -15.20
C ASN B 151 -17.25 4.51 -14.78
N ASN B 152 -16.86 4.92 -13.58
CA ASN B 152 -17.34 6.18 -13.03
C ASN B 152 -16.38 6.81 -12.03
N ASP B 153 -16.57 8.10 -11.77
CA ASP B 153 -15.81 8.83 -10.77
C ASP B 153 -16.14 8.29 -9.39
N VAL B 154 -15.15 8.31 -8.49
CA VAL B 154 -15.35 7.96 -7.10
C VAL B 154 -14.81 9.13 -6.28
N VAL B 155 -15.63 9.69 -5.39
CA VAL B 155 -15.20 10.79 -4.54
C VAL B 155 -14.97 10.31 -3.12
N VAL B 156 -13.89 10.79 -2.51
CA VAL B 156 -13.66 10.62 -1.08
C VAL B 156 -13.99 11.97 -0.44
N PRO B 157 -15.05 12.01 0.38
CA PRO B 157 -15.50 13.28 0.95
C PRO B 157 -14.43 13.96 1.81
N THR B 158 -14.49 15.29 1.83
CA THR B 158 -13.57 16.11 2.63
C THR B 158 -14.30 16.87 3.71
C1 BWG C . 5.84 25.35 24.19
C1 BWG C . 5.84 25.32 24.21
N1 BWG C . 4.96 26.16 25.08
N1 BWG C . 4.96 26.14 25.09
C2 BWG C . 5.05 24.88 22.97
C2 BWG C . 5.06 24.89 22.98
O2 BWG C . 5.90 24.11 22.12
O2 BWG C . 5.90 24.11 22.14
C3 BWG C . 3.92 24.00 23.45
C3 BWG C . 3.92 23.98 23.43
O3 BWG C . 3.19 23.49 22.31
O3 BWG C . 3.19 23.50 22.28
C4 BWG C . 4.51 22.83 24.22
C4 BWG C . 4.49 22.80 24.17
O4 BWG C . 3.41 22.02 24.67
O4 BWG C . 3.37 22.04 24.63
C5 BWG C . 5.30 23.36 25.41
C5 BWG C . 5.26 23.28 25.38
O5 BWG C . 6.34 24.23 24.92
O5 BWG C . 6.32 24.14 24.93
C6 BWG C . 6.12 22.27 26.08
C6 BWG C . 5.90 22.09 26.10
O6 BWG C . 5.29 21.25 26.66
O6 BWG C . 6.77 21.33 25.22
C13 BWG C . 5.41 26.72 26.21
C13 BWG C . 5.41 26.70 26.22
S14 BWG C . 4.47 27.63 27.24
S14 BWG C . 4.49 27.64 27.26
C15 BWG C . 6.79 27.36 27.88
C15 BWG C . 6.80 27.33 27.89
C16 BWG C . 5.66 27.94 28.30
C16 BWG C . 5.66 27.95 28.32
N17 BWG C . 6.65 26.67 26.71
N17 BWG C . 6.66 26.63 26.72
C18 BWG C . 5.50 28.68 29.41
C18 BWG C . 5.52 28.69 29.43
O19 BWG C . 4.44 29.22 29.70
O19 BWG C . 4.46 29.24 29.73
C20 BWG C . 6.74 28.89 30.29
C20 BWG C . 6.74 28.89 30.31
C1 BWG D . -6.47 -27.33 -22.48
N1 BWG D . -5.72 -28.52 -22.87
C2 BWG D . -5.48 -26.28 -21.97
O2 BWG D . -6.20 -25.12 -21.61
C3 BWG D . -4.80 -26.79 -20.73
O3 BWG D . -3.91 -25.76 -20.16
C4 BWG D . -5.88 -27.10 -19.70
O4 BWG D . -5.24 -27.66 -18.56
C5 BWG D . -6.83 -28.15 -20.25
O5 BWG D . -7.41 -27.65 -21.45
C6 BWG D . -7.95 -28.42 -19.23
O6 BWG D . -8.73 -27.25 -18.86
C13 BWG D . -6.31 -29.58 -23.41
S14 BWG D . -5.47 -30.97 -23.87
C15 BWG D . -7.90 -30.97 -24.21
C16 BWG D . -6.83 -31.77 -24.41
N17 BWG D . -7.62 -29.76 -23.65
C18 BWG D . -6.83 -33.02 -24.93
O19 BWG D . -5.79 -33.63 -25.17
C20 BWG D . -8.18 -33.64 -25.29
CL CL E . -16.08 -12.93 -0.15
#